data_4CHM
#
_entry.id   4CHM
#
_cell.length_a   58.110
_cell.length_b   81.090
_cell.length_c   120.070
_cell.angle_alpha   90.00
_cell.angle_beta   90.00
_cell.angle_gamma   90.00
#
_symmetry.space_group_name_H-M   'P 21 21 21'
#
loop_
_entity.id
_entity.type
_entity.pdbx_description
1 polymer 'IMC SUB-COMPARTMENT PROTEIN ISP1'
2 non-polymer 'SULFATE ION'
3 water water
#
_entity_poly.entity_id   1
_entity_poly.type   'polypeptide(L)'
_entity_poly.pdbx_seq_one_letter_code
;GSMASPQVTAADIEDLHRRLLAGMAVLVLLQDGTRLQCILHYNEADSSLSISCEDKVRVIPLSDIKALLHTRDQLQRVET
KANLVDDESCVALHLLESGNCIPLRFDGVKDKTCFVDLLKKLKAAA
;
_entity_poly.pdbx_strand_id   A,B,C,D
#
# COMPACT_ATOMS: atom_id res chain seq x y z
N SER A 2 22.31 -12.35 29.31
CA SER A 2 23.77 -12.53 29.08
C SER A 2 24.34 -11.44 28.18
N MET A 3 25.59 -11.12 28.39
CA MET A 3 26.33 -10.16 27.55
C MET A 3 26.61 -10.74 26.16
N ALA A 4 26.45 -12.05 26.03
CA ALA A 4 27.05 -12.80 24.93
C ALA A 4 25.96 -13.25 23.97
N SER A 5 26.30 -13.40 22.68
CA SER A 5 25.34 -13.87 21.69
C SER A 5 25.85 -15.19 21.11
N PRO A 6 24.91 -16.08 20.72
CA PRO A 6 25.36 -17.32 20.09
C PRO A 6 25.88 -17.04 18.68
N GLN A 7 26.68 -17.95 18.17
CA GLN A 7 27.04 -17.94 16.80
C GLN A 7 26.73 -19.29 16.17
N VAL A 8 26.49 -19.31 14.87
CA VAL A 8 26.08 -20.54 14.21
C VAL A 8 27.24 -21.54 13.99
N THR A 9 26.94 -22.82 14.19
CA THR A 9 27.93 -23.88 14.02
C THR A 9 27.68 -24.64 12.72
N ALA A 10 28.56 -25.61 12.43
CA ALA A 10 28.40 -26.45 11.25
C ALA A 10 27.11 -27.31 11.36
N ALA A 11 26.82 -27.75 12.56
CA ALA A 11 25.59 -28.49 12.85
C ALA A 11 24.33 -27.67 12.56
N ASP A 12 24.33 -26.41 13.00
CA ASP A 12 23.26 -25.46 12.68
C ASP A 12 23.05 -25.39 11.18
N ILE A 13 24.14 -25.17 10.46
CA ILE A 13 24.07 -25.04 9.00
C ILE A 13 23.61 -26.34 8.33
N GLU A 14 24.05 -27.47 8.88
CA GLU A 14 23.64 -28.72 8.30
C GLU A 14 22.16 -29.00 8.57
N ASP A 15 21.68 -28.54 9.70
CA ASP A 15 20.28 -28.69 10.03
C ASP A 15 19.41 -27.87 9.06
N LEU A 16 19.80 -26.63 8.78
CA LEU A 16 19.12 -25.86 7.78
C LEU A 16 19.20 -26.56 6.42
N HIS A 17 20.34 -27.17 6.12
CA HIS A 17 20.53 -27.89 4.84
C HIS A 17 19.52 -29.00 4.70
N ARG A 18 19.36 -29.80 5.76
CA ARG A 18 18.38 -30.85 5.77
C ARG A 18 16.95 -30.31 5.54
N ARG A 19 16.61 -29.23 6.19
CA ARG A 19 15.28 -28.67 6.03
C ARG A 19 15.06 -28.09 4.62
N LEU A 20 16.07 -27.47 4.07
CA LEU A 20 16.01 -26.95 2.69
C LEU A 20 15.79 -28.05 1.67
N LEU A 21 16.38 -29.21 1.91
CA LEU A 21 16.22 -30.33 1.00
C LEU A 21 14.84 -30.92 1.11
N ALA A 22 14.27 -30.88 2.31
CA ALA A 22 12.95 -31.43 2.56
C ALA A 22 11.87 -30.38 2.21
N GLY A 23 12.32 -29.16 1.94
CA GLY A 23 11.40 -28.04 1.74
C GLY A 23 11.08 -27.38 3.06
N MET A 24 11.04 -26.06 3.09
CA MET A 24 10.80 -25.35 4.34
C MET A 24 9.92 -24.10 4.15
N ALA A 25 9.19 -23.74 5.18
CA ALA A 25 8.32 -22.60 5.14
C ALA A 25 9.06 -21.24 5.24
N VAL A 26 8.73 -20.36 4.32
CA VAL A 26 9.19 -19.00 4.34
C VAL A 26 8.14 -18.07 3.79
N LEU A 27 8.36 -16.78 3.96
CA LEU A 27 7.61 -15.76 3.27
C LEU A 27 8.43 -15.06 2.23
N VAL A 28 7.78 -14.70 1.16
CA VAL A 28 8.32 -13.76 0.26
C VAL A 28 7.66 -12.41 0.50
N LEU A 29 8.47 -11.38 0.52
CA LEU A 29 7.95 -10.02 0.74
C LEU A 29 7.87 -9.22 -0.58
N LEU A 30 6.65 -8.93 -1.03
CA LEU A 30 6.45 -8.34 -2.34
C LEU A 30 6.72 -6.83 -2.30
N GLN A 31 6.99 -6.25 -3.45
CA GLN A 31 7.37 -4.84 -3.54
C GLN A 31 6.25 -3.92 -2.99
N ASP A 32 4.99 -4.32 -3.19
CA ASP A 32 3.86 -3.52 -2.67
C ASP A 32 3.60 -3.70 -1.16
N GLY A 33 4.43 -4.51 -0.50
CA GLY A 33 4.21 -4.77 0.92
C GLY A 33 3.50 -6.07 1.25
N THR A 34 2.96 -6.77 0.25
CA THR A 34 2.27 -8.09 0.47
C THR A 34 3.24 -9.13 0.99
N ARG A 35 2.72 -10.12 1.69
CA ARG A 35 3.50 -11.28 2.12
C ARG A 35 2.92 -12.55 1.52
N LEU A 36 3.68 -13.32 0.77
CA LEU A 36 3.26 -14.60 0.30
C LEU A 36 3.82 -15.69 1.18
N GLN A 37 2.98 -16.60 1.60
CA GLN A 37 3.42 -17.85 2.23
C GLN A 37 3.95 -18.80 1.17
N CYS A 38 5.13 -19.34 1.35
CA CYS A 38 5.78 -20.14 0.37
C CYS A 38 6.55 -21.33 0.93
N ILE A 39 6.89 -22.27 0.07
CA ILE A 39 7.86 -23.29 0.38
C ILE A 39 9.12 -23.10 -0.41
N LEU A 40 10.24 -23.05 0.31
CA LEU A 40 11.57 -22.92 -0.25
C LEU A 40 12.23 -24.27 -0.24
N HIS A 41 12.83 -24.62 -1.36
CA HIS A 41 13.41 -25.94 -1.54
C HIS A 41 14.71 -25.83 -2.28
N TYR A 42 15.63 -26.72 -1.98
CA TYR A 42 16.86 -26.85 -2.79
C TYR A 42 16.85 -28.16 -3.52
N ASN A 43 17.09 -28.09 -4.84
CA ASN A 43 17.22 -29.27 -5.71
C ASN A 43 18.69 -29.48 -6.10
N GLU A 44 19.36 -30.40 -5.42
CA GLU A 44 20.82 -30.54 -5.60
C GLU A 44 21.20 -31.19 -6.96
N ALA A 45 20.28 -31.97 -7.53
CA ALA A 45 20.49 -32.52 -8.88
C ALA A 45 20.87 -31.42 -9.88
N ASP A 46 19.98 -30.47 -10.11
CA ASP A 46 20.29 -29.36 -11.02
C ASP A 46 20.81 -28.11 -10.29
N SER A 47 21.12 -28.26 -9.01
CA SER A 47 21.55 -27.13 -8.15
C SER A 47 20.73 -25.83 -8.35
N SER A 48 19.44 -25.90 -8.01
CA SER A 48 18.57 -24.74 -8.06
C SER A 48 17.67 -24.66 -6.81
N LEU A 49 17.27 -23.43 -6.49
CA LEU A 49 16.27 -23.18 -5.45
C LEU A 49 14.92 -23.05 -6.12
N SER A 50 13.88 -23.56 -5.47
CA SER A 50 12.55 -23.20 -5.87
C SER A 50 11.86 -22.46 -4.75
N ILE A 51 10.94 -21.58 -5.16
CA ILE A 51 10.06 -20.86 -4.27
C ILE A 51 8.63 -21.08 -4.80
N SER A 52 7.78 -21.64 -3.95
CA SER A 52 6.46 -22.05 -4.37
C SER A 52 5.47 -21.33 -3.51
N CYS A 53 4.61 -20.51 -4.12
CA CYS A 53 3.62 -19.73 -3.38
C CYS A 53 2.31 -19.67 -4.17
N GLU A 54 1.20 -19.86 -3.48
CA GLU A 54 -0.11 -19.79 -4.10
C GLU A 54 -0.12 -20.54 -5.45
N ASP A 55 0.30 -21.78 -5.44
CA ASP A 55 0.21 -22.70 -6.55
C ASP A 55 1.13 -22.38 -7.73
N LYS A 56 2.07 -21.50 -7.51
CA LYS A 56 3.04 -21.12 -8.51
C LYS A 56 4.46 -21.37 -8.03
N VAL A 57 5.25 -21.98 -8.86
CA VAL A 57 6.62 -22.30 -8.56
C VAL A 57 7.62 -21.54 -9.42
N ARG A 58 8.60 -20.91 -8.78
CA ARG A 58 9.68 -20.27 -9.47
C ARG A 58 10.99 -20.96 -9.17
N VAL A 59 11.72 -21.27 -10.21
CA VAL A 59 12.97 -21.95 -10.08
C VAL A 59 14.15 -20.98 -10.33
N ILE A 60 15.02 -20.85 -9.36
CA ILE A 60 16.21 -20.03 -9.51
C ILE A 60 17.46 -20.89 -9.44
N PRO A 61 18.09 -21.14 -10.61
CA PRO A 61 19.41 -21.78 -10.62
C PRO A 61 20.39 -21.03 -9.70
N LEU A 62 21.23 -21.79 -9.00
CA LEU A 62 22.23 -21.21 -8.12
C LEU A 62 23.12 -20.22 -8.86
N SER A 63 23.31 -20.49 -10.14
CA SER A 63 24.22 -19.71 -10.91
C SER A 63 23.57 -18.37 -11.30
N ASP A 64 22.27 -18.23 -11.05
CA ASP A 64 21.61 -16.94 -11.27
C ASP A 64 21.56 -16.06 -10.02
N ILE A 65 22.10 -16.58 -8.92
CA ILE A 65 22.09 -15.84 -7.70
C ILE A 65 23.44 -15.16 -7.55
N LYS A 66 23.46 -13.88 -7.93
CA LYS A 66 24.65 -13.09 -8.01
C LYS A 66 25.16 -12.73 -6.60
N ALA A 67 24.24 -12.51 -5.67
CA ALA A 67 24.62 -11.99 -4.33
C ALA A 67 23.51 -12.26 -3.32
N LEU A 68 23.82 -12.30 -2.06
CA LEU A 68 22.82 -12.32 -1.05
C LEU A 68 22.85 -11.05 -0.26
N LEU A 69 21.72 -10.37 -0.19
CA LEU A 69 21.57 -9.20 0.63
C LEU A 69 21.10 -9.62 2.01
N HIS A 70 21.91 -9.40 3.04
CA HIS A 70 21.54 -9.75 4.40
C HIS A 70 21.69 -8.68 5.48
N THR A 71 22.66 -7.77 5.32
CA THR A 71 22.86 -6.70 6.29
C THR A 71 21.77 -5.65 6.20
N ARG A 72 21.49 -4.99 7.30
CA ARG A 72 20.50 -3.93 7.28
C ARG A 72 20.69 -2.97 6.10
N ASP A 73 21.92 -2.49 5.90
CA ASP A 73 22.20 -1.49 4.82
C ASP A 73 21.97 -2.01 3.38
N GLN A 74 22.41 -3.23 3.11
CA GLN A 74 22.12 -3.97 1.87
C GLN A 74 20.61 -4.06 1.59
N LEU A 75 19.85 -4.46 2.57
CA LEU A 75 18.40 -4.60 2.43
C LEU A 75 17.64 -3.25 2.31
N GLN A 76 18.14 -2.21 2.94
CA GLN A 76 17.61 -0.86 2.80
C GLN A 76 17.63 -0.32 1.35
N ARG A 77 18.53 -0.81 0.51
CA ARG A 77 18.55 -0.51 -0.92
C ARG A 77 17.42 -1.09 -1.77
N VAL A 78 16.67 -2.04 -1.24
CA VAL A 78 15.60 -2.67 -1.96
C VAL A 78 14.36 -1.80 -2.01
N GLU A 79 13.81 -1.64 -3.19
CA GLU A 79 12.67 -0.79 -3.35
C GLU A 79 11.40 -1.53 -2.99
N THR A 80 10.80 -1.15 -1.89
CA THR A 80 9.65 -1.88 -1.44
C THR A 80 8.94 -1.14 -0.32
N LYS A 81 7.69 -1.51 -0.12
CA LYS A 81 6.86 -1.01 0.94
C LYS A 81 6.90 -1.97 2.15
N ALA A 82 7.51 -3.16 1.96
CA ALA A 82 7.65 -4.14 3.06
C ALA A 82 8.78 -3.73 4.00
N ASN A 83 8.75 -4.25 5.22
CA ASN A 83 9.82 -4.03 6.14
C ASN A 83 10.79 -5.23 6.10
N LEU A 84 11.91 -5.05 5.42
CA LEU A 84 12.83 -6.15 5.21
C LEU A 84 13.79 -6.30 6.39
N VAL A 85 14.05 -5.21 7.10
CA VAL A 85 15.20 -5.16 8.00
C VAL A 85 14.95 -5.29 9.51
N ASP A 86 13.79 -4.86 9.96
CA ASP A 86 13.55 -4.72 11.39
C ASP A 86 13.60 -6.01 12.21
N ASP A 87 13.15 -7.11 11.63
CA ASP A 87 13.28 -8.40 12.29
C ASP A 87 14.62 -9.11 12.03
N GLU A 88 15.49 -8.52 11.21
CA GLU A 88 16.79 -9.16 10.87
C GLU A 88 16.62 -10.63 10.58
N SER A 89 15.49 -10.99 9.97
CA SER A 89 15.24 -12.37 9.55
C SER A 89 15.19 -12.57 8.02
N CYS A 90 15.54 -11.54 7.25
CA CYS A 90 15.39 -11.60 5.80
C CYS A 90 16.73 -11.80 5.04
N VAL A 91 16.74 -12.67 4.03
CA VAL A 91 17.76 -12.63 3.01
C VAL A 91 17.09 -12.42 1.66
N ALA A 92 17.61 -11.46 0.89
CA ALA A 92 17.15 -11.28 -0.50
C ALA A 92 18.12 -11.88 -1.47
N LEU A 93 17.59 -12.62 -2.45
CA LEU A 93 18.40 -13.12 -3.54
C LEU A 93 18.49 -12.09 -4.61
N HIS A 94 19.69 -11.58 -4.81
CA HIS A 94 19.96 -10.67 -5.89
C HIS A 94 20.29 -11.52 -7.11
N LEU A 95 19.49 -11.42 -8.14
CA LEU A 95 19.61 -12.29 -9.30
C LEU A 95 20.45 -11.72 -10.43
N LEU A 96 21.30 -12.55 -11.03
CA LEU A 96 22.18 -12.12 -12.11
C LEU A 96 21.52 -11.68 -13.40
N GLU A 97 20.60 -12.46 -13.94
CA GLU A 97 20.01 -12.08 -15.23
C GLU A 97 19.19 -10.81 -15.15
N SER A 98 18.24 -10.76 -14.23
CA SER A 98 17.30 -9.64 -14.13
C SER A 98 17.91 -8.49 -13.35
N GLY A 99 18.90 -8.78 -12.51
CA GLY A 99 19.41 -7.78 -11.56
C GLY A 99 18.47 -7.40 -10.38
N ASN A 100 17.28 -7.99 -10.32
CA ASN A 100 16.32 -7.68 -9.26
C ASN A 100 16.48 -8.65 -8.10
N CYS A 101 15.65 -8.47 -7.07
N CYS A 101 15.68 -8.48 -7.07
CA CYS A 101 15.88 -9.10 -5.79
CA CYS A 101 15.91 -9.26 -5.89
C CYS A 101 14.62 -9.78 -5.26
C CYS A 101 14.65 -9.77 -5.23
N ILE A 102 14.75 -11.01 -4.75
CA ILE A 102 13.63 -11.66 -4.10
C ILE A 102 13.88 -11.74 -2.61
N PRO A 103 13.09 -11.00 -1.82
CA PRO A 103 13.34 -11.05 -0.37
C PRO A 103 12.61 -12.18 0.33
N LEU A 104 13.37 -13.02 1.03
CA LEU A 104 12.84 -14.18 1.75
C LEU A 104 12.93 -13.88 3.22
N ARG A 105 11.84 -14.07 3.93
CA ARG A 105 11.89 -13.90 5.40
C ARG A 105 11.81 -15.27 6.09
N PHE A 106 12.84 -15.61 6.87
CA PHE A 106 12.90 -16.87 7.57
C PHE A 106 12.21 -16.75 8.91
N ASP A 107 12.17 -17.84 9.66
CA ASP A 107 11.51 -17.88 10.98
C ASP A 107 12.18 -17.02 12.05
N GLY A 108 13.45 -16.71 11.89
CA GLY A 108 14.13 -15.85 12.86
C GLY A 108 15.57 -15.67 12.46
N VAL A 109 16.35 -15.04 13.35
CA VAL A 109 17.67 -14.56 13.00
C VAL A 109 18.61 -15.73 12.70
N LYS A 110 18.40 -16.85 13.38
CA LYS A 110 19.32 -17.97 13.29
C LYS A 110 19.25 -18.67 11.95
N ASP A 111 18.05 -18.92 11.49
CA ASP A 111 17.85 -19.45 10.16
C ASP A 111 18.33 -18.47 9.11
N LYS A 112 18.05 -17.19 9.30
CA LYS A 112 18.45 -16.19 8.35
C LYS A 112 19.97 -16.27 8.24
N THR A 113 20.65 -16.33 9.38
CA THR A 113 22.10 -16.36 9.41
C THR A 113 22.67 -17.61 8.78
N CYS A 114 22.12 -18.76 9.14
CA CYS A 114 22.55 -20.05 8.54
C CYS A 114 22.39 -20.11 7.06
N PHE A 115 21.28 -19.56 6.55
CA PHE A 115 21.02 -19.57 5.14
C PHE A 115 22.12 -18.91 4.36
N VAL A 116 22.57 -17.75 4.85
CA VAL A 116 23.63 -17.00 4.15
C VAL A 116 24.91 -17.84 4.03
N ASP A 117 25.31 -18.48 5.11
CA ASP A 117 26.45 -19.38 5.10
C ASP A 117 26.26 -20.60 4.22
N LEU A 118 25.13 -21.25 4.30
CA LEU A 118 24.86 -22.42 3.48
C LEU A 118 24.87 -22.12 1.99
N LEU A 119 24.29 -21.01 1.60
CA LEU A 119 24.24 -20.62 0.21
C LEU A 119 25.64 -20.35 -0.33
N LYS A 120 26.45 -19.72 0.50
CA LYS A 120 27.82 -19.50 0.17
C LYS A 120 28.50 -20.84 -0.04
N LYS A 121 28.25 -21.80 0.84
CA LYS A 121 28.87 -23.09 0.73
C LYS A 121 28.46 -23.80 -0.56
N LEU A 122 27.19 -23.81 -0.90
CA LEU A 122 26.74 -24.44 -2.13
C LEU A 122 27.31 -23.78 -3.37
N LYS A 123 27.33 -22.46 -3.36
CA LYS A 123 27.95 -21.65 -4.44
C LYS A 123 29.45 -21.91 -4.58
N ALA A 124 30.18 -21.90 -3.46
CA ALA A 124 31.64 -22.07 -3.47
C ALA A 124 32.10 -23.50 -3.84
N ALA A 125 31.22 -24.48 -3.63
CA ALA A 125 31.53 -25.88 -3.91
C ALA A 125 31.07 -26.27 -5.31
N ALA A 126 30.21 -25.45 -5.88
CA ALA A 126 29.64 -25.70 -7.22
C ALA A 126 30.72 -25.94 -8.28
N SER B 2 -28.08 -7.70 6.71
CA SER B 2 -26.75 -8.21 7.19
C SER B 2 -25.89 -7.11 7.83
N MET B 3 -24.91 -7.50 8.63
CA MET B 3 -23.87 -6.57 9.07
C MET B 3 -22.87 -6.22 7.97
N ALA B 4 -22.77 -7.13 6.98
CA ALA B 4 -21.65 -7.14 6.05
C ALA B 4 -22.09 -6.55 4.74
N SER B 5 -21.16 -5.97 4.01
CA SER B 5 -21.43 -5.45 2.68
C SER B 5 -20.58 -6.19 1.68
N PRO B 6 -21.01 -6.31 0.45
CA PRO B 6 -20.15 -6.90 -0.58
C PRO B 6 -19.00 -5.96 -0.98
N GLN B 7 -17.96 -6.51 -1.57
CA GLN B 7 -16.88 -5.73 -2.15
C GLN B 7 -16.39 -6.39 -3.41
N VAL B 8 -15.82 -5.61 -4.32
CA VAL B 8 -15.22 -6.22 -5.51
C VAL B 8 -13.92 -6.91 -5.23
N THR B 9 -13.71 -8.02 -5.91
CA THR B 9 -12.55 -8.83 -5.74
C THR B 9 -11.54 -8.53 -6.83
N ALA B 10 -10.33 -8.97 -6.60
CA ALA B 10 -9.27 -8.82 -7.59
C ALA B 10 -9.69 -9.50 -8.90
N ALA B 11 -10.40 -10.61 -8.76
CA ALA B 11 -10.88 -11.36 -9.93
C ALA B 11 -11.94 -10.56 -10.66
N ASP B 12 -12.78 -9.82 -9.90
CA ASP B 12 -13.82 -8.94 -10.52
C ASP B 12 -13.13 -7.83 -11.35
N ILE B 13 -12.13 -7.19 -10.77
CA ILE B 13 -11.44 -6.09 -11.45
C ILE B 13 -10.75 -6.62 -12.72
N GLU B 14 -10.06 -7.74 -12.60
CA GLU B 14 -9.46 -8.37 -13.79
C GLU B 14 -10.50 -8.76 -14.86
N ASP B 15 -11.67 -9.19 -14.43
CA ASP B 15 -12.72 -9.47 -15.40
C ASP B 15 -13.19 -8.25 -16.15
N LEU B 16 -13.41 -7.14 -15.43
CA LEU B 16 -13.64 -5.88 -16.08
C LEU B 16 -12.51 -5.54 -17.05
N HIS B 17 -11.28 -5.71 -16.60
CA HIS B 17 -10.11 -5.36 -17.42
C HIS B 17 -10.11 -6.08 -18.77
N ARG B 18 -10.39 -7.37 -18.73
CA ARG B 18 -10.47 -8.19 -19.93
C ARG B 18 -11.60 -7.75 -20.85
N ARG B 19 -12.74 -7.44 -20.28
CA ARG B 19 -13.85 -6.95 -21.08
C ARG B 19 -13.59 -5.59 -21.74
N LEU B 20 -12.88 -4.74 -21.03
CA LEU B 20 -12.43 -3.47 -21.55
C LEU B 20 -11.44 -3.61 -22.71
N LEU B 21 -10.53 -4.56 -22.60
CA LEU B 21 -9.60 -4.86 -23.68
C LEU B 21 -10.34 -5.35 -24.92
N ALA B 22 -11.35 -6.18 -24.70
CA ALA B 22 -12.22 -6.71 -25.73
C ALA B 22 -13.09 -5.64 -26.37
N GLY B 23 -13.42 -4.63 -25.59
CA GLY B 23 -14.43 -3.68 -25.97
C GLY B 23 -15.72 -4.11 -25.30
N MET B 24 -16.35 -3.19 -24.61
CA MET B 24 -17.52 -3.48 -23.80
C MET B 24 -18.62 -2.43 -23.89
N ALA B 25 -19.85 -2.85 -23.63
CA ALA B 25 -20.98 -1.95 -23.69
C ALA B 25 -21.05 -1.00 -22.50
N VAL B 26 -21.28 0.28 -22.78
CA VAL B 26 -21.61 1.25 -21.75
C VAL B 26 -22.61 2.25 -22.26
N LEU B 27 -23.25 2.97 -21.35
CA LEU B 27 -24.05 4.11 -21.71
C LEU B 27 -23.29 5.39 -21.40
N VAL B 28 -23.36 6.35 -22.31
CA VAL B 28 -22.86 7.68 -22.06
C VAL B 28 -24.07 8.58 -21.87
N LEU B 29 -24.05 9.37 -20.80
CA LEU B 29 -25.22 10.19 -20.50
C LEU B 29 -24.92 11.61 -20.90
N LEU B 30 -25.67 12.12 -21.89
CA LEU B 30 -25.42 13.46 -22.43
C LEU B 30 -26.01 14.52 -21.53
N GLN B 31 -25.52 15.74 -21.70
CA GLN B 31 -25.95 16.88 -20.90
C GLN B 31 -27.44 17.15 -20.99
N ASP B 32 -28.07 16.77 -22.11
CA ASP B 32 -29.53 16.93 -22.27
C ASP B 32 -30.33 15.72 -21.75
N GLY B 33 -29.67 14.78 -21.13
CA GLY B 33 -30.39 13.67 -20.51
C GLY B 33 -30.52 12.43 -21.37
N THR B 34 -30.16 12.52 -22.64
CA THR B 34 -30.13 11.35 -23.52
C THR B 34 -29.08 10.35 -23.11
N ARG B 35 -29.39 9.08 -23.26
CA ARG B 35 -28.43 8.05 -22.98
C ARG B 35 -28.05 7.36 -24.26
N LEU B 36 -26.77 7.37 -24.57
CA LEU B 36 -26.27 6.82 -25.80
C LEU B 36 -25.80 5.33 -25.59
N GLN B 37 -26.21 4.22 -26.19
N GLN B 37 -26.20 4.21 -26.19
CA GLN B 37 -25.43 3.00 -26.19
CA GLN B 37 -25.42 3.01 -26.18
C GLN B 37 -24.16 3.18 -27.00
C GLN B 37 -24.16 3.19 -26.99
N CYS B 38 -23.08 2.72 -26.44
CA CYS B 38 -21.67 2.98 -26.73
C CYS B 38 -20.79 1.76 -26.45
N ILE B 39 -19.67 1.67 -27.16
CA ILE B 39 -18.68 0.68 -26.87
C ILE B 39 -17.44 1.36 -26.33
N LEU B 40 -17.02 0.90 -25.16
CA LEU B 40 -15.83 1.41 -24.48
C LEU B 40 -14.69 0.37 -24.63
N HIS B 41 -13.54 0.83 -25.01
CA HIS B 41 -12.42 -0.06 -25.30
C HIS B 41 -11.15 0.55 -24.74
N TYR B 42 -10.31 -0.27 -24.09
CA TYR B 42 -8.96 0.19 -23.72
C TYR B 42 -7.87 -0.23 -24.74
N ASN B 43 -7.19 0.75 -25.32
CA ASN B 43 -6.13 0.50 -26.27
C ASN B 43 -4.80 0.65 -25.54
N GLU B 44 -4.20 -0.49 -25.18
CA GLU B 44 -2.98 -0.50 -24.40
C GLU B 44 -1.82 0.17 -25.15
N ALA B 45 -1.74 -0.10 -26.44
CA ALA B 45 -0.66 0.41 -27.25
C ALA B 45 -0.66 1.93 -27.31
N ASP B 46 -1.85 2.52 -27.39
CA ASP B 46 -2.01 3.95 -27.57
C ASP B 46 -2.15 4.66 -26.24
N SER B 47 -2.22 3.90 -25.16
CA SER B 47 -2.41 4.46 -23.82
C SER B 47 -3.69 5.30 -23.71
N SER B 48 -4.77 4.81 -24.32
CA SER B 48 -6.00 5.56 -24.42
C SER B 48 -7.27 4.70 -24.36
N LEU B 49 -8.39 5.36 -24.10
CA LEU B 49 -9.71 4.73 -24.16
C LEU B 49 -10.28 5.28 -25.45
N SER B 50 -11.06 4.47 -26.17
CA SER B 50 -11.96 5.04 -27.16
C SER B 50 -13.41 4.81 -26.74
N ILE B 51 -14.25 5.80 -27.00
CA ILE B 51 -15.65 5.71 -26.72
C ILE B 51 -16.34 5.85 -28.06
N SER B 52 -16.99 4.75 -28.51
CA SER B 52 -17.74 4.76 -29.78
C SER B 52 -19.26 4.93 -29.54
N CYS B 53 -19.79 6.12 -29.82
CA CYS B 53 -21.23 6.36 -29.67
C CYS B 53 -21.73 6.91 -30.96
N GLU B 54 -22.95 6.52 -31.32
CA GLU B 54 -23.55 7.04 -32.51
C GLU B 54 -22.58 6.81 -33.66
N ASP B 55 -22.31 7.86 -34.42
CA ASP B 55 -21.44 7.78 -35.55
C ASP B 55 -20.10 8.45 -35.23
N LYS B 56 -19.74 8.50 -33.95
CA LYS B 56 -18.47 9.13 -33.53
C LYS B 56 -17.57 8.12 -32.81
N VAL B 57 -16.25 8.32 -32.93
CA VAL B 57 -15.29 7.62 -32.11
C VAL B 57 -14.42 8.65 -31.41
N ARG B 58 -14.52 8.71 -30.08
CA ARG B 58 -13.71 9.64 -29.34
C ARG B 58 -12.62 8.89 -28.58
N VAL B 59 -11.40 9.30 -28.84
CA VAL B 59 -10.21 8.72 -28.19
C VAL B 59 -9.80 9.62 -27.00
N ILE B 60 -9.61 9.00 -25.84
CA ILE B 60 -9.21 9.74 -24.62
C ILE B 60 -7.91 9.15 -24.06
N PRO B 61 -6.81 9.83 -24.29
CA PRO B 61 -5.56 9.38 -23.70
C PRO B 61 -5.73 9.40 -22.18
N LEU B 62 -5.13 8.45 -21.52
CA LEU B 62 -5.25 8.30 -20.09
C LEU B 62 -4.71 9.56 -19.43
N SER B 63 -3.73 10.17 -20.08
CA SER B 63 -3.11 11.38 -19.63
C SER B 63 -4.10 12.55 -19.62
N ASP B 64 -5.16 12.47 -20.42
CA ASP B 64 -6.17 13.52 -20.37
C ASP B 64 -7.27 13.31 -19.34
N ILE B 65 -7.22 12.22 -18.60
CA ILE B 65 -8.20 11.98 -17.56
C ILE B 65 -7.63 12.45 -16.21
N LYS B 66 -8.05 13.65 -15.81
CA LYS B 66 -7.55 14.28 -14.59
C LYS B 66 -8.05 13.50 -13.36
N ALA B 67 -9.30 13.08 -13.37
CA ALA B 67 -9.90 12.43 -12.21
C ALA B 67 -11.14 11.67 -12.64
N LEU B 68 -11.63 10.84 -11.75
CA LEU B 68 -12.83 10.09 -11.97
C LEU B 68 -13.85 10.53 -10.94
N LEU B 69 -15.01 10.96 -11.41
CA LEU B 69 -16.05 11.41 -10.52
C LEU B 69 -16.97 10.23 -10.24
N HIS B 70 -16.90 9.73 -9.02
CA HIS B 70 -17.73 8.62 -8.61
C HIS B 70 -18.55 8.78 -7.33
N THR B 71 -18.12 9.61 -6.39
CA THR B 71 -18.93 9.78 -5.17
C THR B 71 -20.16 10.65 -5.49
N ARG B 72 -21.14 10.65 -4.59
CA ARG B 72 -22.30 11.55 -4.73
C ARG B 72 -21.89 13.00 -4.88
N ASP B 73 -20.90 13.46 -4.08
CA ASP B 73 -20.55 14.91 -4.13
C ASP B 73 -19.76 15.23 -5.40
N GLN B 74 -18.96 14.28 -5.89
CA GLN B 74 -18.25 14.49 -7.17
C GLN B 74 -19.19 14.61 -8.33
N LEU B 75 -20.13 13.68 -8.41
CA LEU B 75 -21.10 13.66 -9.52
C LEU B 75 -22.12 14.82 -9.45
N GLN B 76 -22.41 15.28 -8.23
CA GLN B 76 -23.33 16.43 -8.06
C GLN B 76 -22.88 17.66 -8.87
N ARG B 77 -21.57 17.82 -9.04
CA ARG B 77 -21.03 19.00 -9.71
C ARG B 77 -21.23 19.05 -11.22
N VAL B 78 -21.57 17.92 -11.83
CA VAL B 78 -21.80 17.85 -13.29
C VAL B 78 -23.15 18.54 -13.65
N GLU B 79 -23.12 19.46 -14.59
CA GLU B 79 -24.31 20.22 -14.97
C GLU B 79 -24.94 19.45 -16.09
N THR B 80 -26.05 18.80 -15.81
CA THR B 80 -26.65 17.90 -16.77
C THR B 80 -28.09 17.68 -16.38
N LYS B 81 -28.92 17.32 -17.36
CA LYS B 81 -30.25 16.86 -17.06
C LYS B 81 -30.25 15.38 -16.63
N ALA B 82 -29.18 14.64 -16.94
CA ALA B 82 -29.04 13.23 -16.49
C ALA B 82 -29.15 13.14 -14.95
N ASN B 83 -29.62 12.02 -14.46
CA ASN B 83 -29.67 11.75 -13.04
C ASN B 83 -28.46 10.98 -12.49
N LEU B 84 -27.31 11.64 -12.41
CA LEU B 84 -26.06 11.02 -11.94
C LEU B 84 -25.95 10.65 -10.46
N VAL B 85 -26.44 11.51 -9.58
CA VAL B 85 -26.15 11.40 -8.17
C VAL B 85 -26.62 10.11 -7.49
N ASP B 86 -27.83 9.66 -7.80
CA ASP B 86 -28.35 8.44 -7.24
C ASP B 86 -27.99 7.24 -8.07
N ASP B 87 -27.14 7.44 -9.08
CA ASP B 87 -26.76 6.35 -9.97
C ASP B 87 -25.49 5.65 -9.48
N GLU B 88 -25.70 4.50 -8.88
CA GLU B 88 -24.63 3.64 -8.36
C GLU B 88 -23.70 3.07 -9.42
N SER B 89 -24.15 3.07 -10.67
CA SER B 89 -23.32 2.55 -11.75
C SER B 89 -22.58 3.60 -12.51
N CYS B 90 -22.65 4.84 -12.07
CA CYS B 90 -22.08 5.94 -12.84
C CYS B 90 -20.71 6.38 -12.35
N VAL B 91 -19.79 6.50 -13.29
CA VAL B 91 -18.54 7.21 -13.10
C VAL B 91 -18.20 8.12 -14.29
N ALA B 92 -17.80 9.35 -14.02
CA ALA B 92 -17.52 10.31 -15.07
C ALA B 92 -16.04 10.60 -15.25
N LEU B 93 -15.58 10.59 -16.49
CA LEU B 93 -14.18 10.95 -16.78
C LEU B 93 -14.08 12.47 -16.77
N HIS B 94 -13.32 13.02 -15.84
CA HIS B 94 -13.07 14.45 -15.75
C HIS B 94 -11.83 14.74 -16.57
N LEU B 95 -12.01 15.46 -17.66
CA LEU B 95 -10.94 15.64 -18.65
C LEU B 95 -10.03 16.82 -18.34
N LEU B 96 -8.74 16.57 -18.40
CA LEU B 96 -7.78 17.58 -18.02
C LEU B 96 -7.76 18.82 -18.89
N GLU B 97 -7.69 18.66 -20.20
CA GLU B 97 -7.60 19.82 -21.08
C GLU B 97 -8.86 20.67 -21.15
N SER B 98 -10.03 20.04 -21.30
CA SER B 98 -11.28 20.79 -21.38
C SER B 98 -11.93 21.09 -20.03
N GLY B 99 -11.50 20.39 -19.00
CA GLY B 99 -12.15 20.51 -17.67
C GLY B 99 -13.58 19.93 -17.62
N ASN B 100 -14.08 19.47 -18.76
CA ASN B 100 -15.43 18.87 -18.81
C ASN B 100 -15.42 17.39 -18.48
N CYS B 101 -16.58 16.75 -18.52
N CYS B 101 -16.61 16.79 -18.46
CA CYS B 101 -16.65 15.38 -18.07
CA CYS B 101 -16.80 15.42 -17.93
C CYS B 101 -17.66 14.52 -18.82
C CYS B 101 -17.67 14.53 -18.86
N ILE B 102 -17.30 13.25 -18.98
CA ILE B 102 -18.12 12.29 -19.71
C ILE B 102 -18.61 11.26 -18.69
N PRO B 103 -19.89 11.28 -18.42
CA PRO B 103 -20.47 10.33 -17.48
C PRO B 103 -20.76 8.99 -18.13
N LEU B 104 -20.23 7.93 -17.53
CA LEU B 104 -20.40 6.60 -18.05
C LEU B 104 -21.32 5.88 -17.12
N ARG B 105 -22.21 5.06 -17.66
CA ARG B 105 -23.03 4.18 -16.83
C ARG B 105 -22.72 2.74 -17.16
N PHE B 106 -22.19 2.04 -16.17
CA PHE B 106 -21.95 0.62 -16.24
C PHE B 106 -23.20 -0.19 -15.91
N ASP B 107 -23.07 -1.50 -16.04
CA ASP B 107 -24.16 -2.42 -15.79
C ASP B 107 -24.67 -2.32 -14.36
N GLY B 108 -23.74 -2.21 -13.42
CA GLY B 108 -24.02 -2.33 -12.02
C GLY B 108 -22.94 -1.65 -11.22
N VAL B 109 -23.13 -1.59 -9.93
CA VAL B 109 -22.18 -0.97 -9.05
C VAL B 109 -20.86 -1.72 -9.15
N LYS B 110 -20.91 -3.02 -9.40
CA LYS B 110 -19.69 -3.81 -9.40
C LYS B 110 -18.70 -3.37 -10.48
N ASP B 111 -19.18 -3.23 -11.70
CA ASP B 111 -18.33 -2.77 -12.78
C ASP B 111 -17.85 -1.35 -12.54
N LYS B 112 -18.73 -0.51 -12.04
CA LYS B 112 -18.41 0.88 -11.78
C LYS B 112 -17.26 0.93 -10.78
N THR B 113 -17.35 0.08 -9.76
CA THR B 113 -16.38 0.08 -8.68
C THR B 113 -15.05 -0.46 -9.19
N CYS B 114 -15.14 -1.41 -10.13
CA CYS B 114 -13.94 -2.05 -10.66
C CYS B 114 -13.23 -1.07 -11.58
N PHE B 115 -14.03 -0.37 -12.39
CA PHE B 115 -13.50 0.66 -13.28
C PHE B 115 -12.71 1.73 -12.52
N VAL B 116 -13.27 2.23 -11.42
CA VAL B 116 -12.56 3.23 -10.59
C VAL B 116 -11.18 2.70 -10.14
N ASP B 117 -11.17 1.50 -9.58
CA ASP B 117 -9.94 0.87 -9.14
C ASP B 117 -8.96 0.61 -10.29
N LEU B 118 -9.47 0.03 -11.39
CA LEU B 118 -8.63 -0.32 -12.54
C LEU B 118 -8.03 0.89 -13.27
N LEU B 119 -8.79 1.94 -13.48
CA LEU B 119 -8.25 3.05 -14.23
C LEU B 119 -7.01 3.69 -13.58
N LYS B 120 -6.98 3.76 -12.27
CA LYS B 120 -5.80 4.26 -11.59
C LYS B 120 -4.61 3.38 -11.92
N LYS B 121 -4.83 2.07 -11.95
CA LYS B 121 -3.79 1.12 -12.26
C LYS B 121 -3.29 1.26 -13.69
N LEU B 122 -4.22 1.42 -14.63
CA LEU B 122 -3.84 1.61 -16.00
C LEU B 122 -3.05 2.91 -16.15
N LYS B 123 -3.51 3.96 -15.50
CA LYS B 123 -2.90 5.26 -15.62
C LYS B 123 -1.47 5.26 -15.10
N ALA B 124 -1.29 4.68 -13.93
CA ALA B 124 0.01 4.68 -13.29
C ALA B 124 1.00 3.89 -14.11
N ALA B 125 0.55 2.78 -14.64
CA ALA B 125 1.40 1.95 -15.48
C ALA B 125 1.80 2.70 -16.74
N GLY C 1 -0.20 27.83 8.06
CA GLY C 1 -0.36 26.59 8.89
C GLY C 1 0.87 25.68 8.78
N SER C 2 0.80 24.51 9.43
CA SER C 2 1.99 23.65 9.61
C SER C 2 2.22 22.70 8.43
N MET C 3 3.48 22.45 8.09
CA MET C 3 3.83 21.43 7.10
C MET C 3 3.61 20.01 7.64
N ALA C 4 3.30 19.90 8.92
CA ALA C 4 3.44 18.63 9.67
C ALA C 4 2.12 18.03 10.04
N SER C 5 2.11 16.70 10.17
CA SER C 5 0.89 16.01 10.55
C SER C 5 1.11 15.22 11.82
N PRO C 6 0.08 15.14 12.66
CA PRO C 6 0.23 14.34 13.87
C PRO C 6 0.27 12.85 13.53
N GLN C 7 0.60 12.04 14.51
CA GLN C 7 0.78 10.60 14.26
C GLN C 7 0.47 9.86 15.54
N VAL C 8 -0.11 8.66 15.46
CA VAL C 8 -0.47 7.97 16.70
C VAL C 8 0.75 7.45 17.44
N THR C 9 0.69 7.44 18.78
CA THR C 9 1.83 6.98 19.60
C THR C 9 1.54 5.60 20.17
N ALA C 10 2.53 5.00 20.84
CA ALA C 10 2.36 3.69 21.48
C ALA C 10 1.37 3.73 22.62
N ALA C 11 1.29 4.88 23.28
CA ALA C 11 0.34 5.08 24.37
C ALA C 11 -1.09 5.16 23.82
N ASP C 12 -1.25 5.83 22.66
CA ASP C 12 -2.54 5.90 21.99
C ASP C 12 -3.02 4.50 21.66
N ILE C 13 -2.12 3.68 21.15
CA ILE C 13 -2.44 2.32 20.75
C ILE C 13 -2.77 1.42 21.93
N GLU C 14 -1.91 1.42 22.96
CA GLU C 14 -2.22 0.70 24.20
C GLU C 14 -3.53 1.22 24.84
N ASP C 15 -3.80 2.50 24.75
CA ASP C 15 -5.07 3.05 25.24
C ASP C 15 -6.30 2.47 24.49
N LEU C 16 -6.21 2.42 23.17
CA LEU C 16 -7.27 1.83 22.38
C LEU C 16 -7.44 0.36 22.76
N HIS C 17 -6.32 -0.30 23.03
CA HIS C 17 -6.29 -1.70 23.39
C HIS C 17 -7.08 -1.93 24.66
N ARG C 18 -6.91 -1.05 25.65
CA ARG C 18 -7.61 -1.21 26.90
C ARG C 18 -9.12 -1.09 26.70
N ARG C 19 -9.53 -0.09 25.94
CA ARG C 19 -10.94 0.13 25.67
C ARG C 19 -11.57 -0.99 24.87
N LEU C 20 -10.83 -1.51 23.91
CA LEU C 20 -11.30 -2.63 23.11
C LEU C 20 -11.50 -3.89 23.95
N LEU C 21 -10.57 -4.13 24.86
CA LEU C 21 -10.68 -5.26 25.75
C LEU C 21 -11.85 -5.05 26.71
N ALA C 22 -12.17 -3.79 27.02
CA ALA C 22 -13.31 -3.47 27.87
C ALA C 22 -14.64 -3.61 27.13
N GLY C 23 -14.62 -3.42 25.83
CA GLY C 23 -15.84 -3.16 25.06
C GLY C 23 -15.93 -1.68 24.81
N MET C 24 -16.03 -1.29 23.54
CA MET C 24 -16.16 0.11 23.20
C MET C 24 -17.26 0.32 22.15
N ALA C 25 -17.85 1.51 22.17
CA ALA C 25 -18.90 1.88 21.22
C ALA C 25 -18.30 2.15 19.85
N VAL C 26 -18.90 1.59 18.80
CA VAL C 26 -18.54 1.90 17.43
C VAL C 26 -19.82 1.91 16.61
N LEU C 27 -19.76 2.51 15.43
CA LEU C 27 -20.88 2.47 14.51
C LEU C 27 -20.59 1.47 13.42
N VAL C 28 -21.54 0.61 13.13
CA VAL C 28 -21.43 -0.32 12.01
C VAL C 28 -22.19 0.29 10.85
N LEU C 29 -21.54 0.37 9.70
CA LEU C 29 -22.16 1.04 8.56
C LEU C 29 -22.74 0.03 7.56
N LEU C 30 -24.07 -0.05 7.56
CA LEU C 30 -24.79 -0.97 6.70
C LEU C 30 -24.74 -0.56 5.24
N GLN C 31 -25.02 -1.53 4.35
CA GLN C 31 -25.04 -1.35 2.89
C GLN C 31 -26.04 -0.32 2.43
N ASP C 32 -27.20 -0.27 3.07
CA ASP C 32 -28.24 0.72 2.73
C ASP C 32 -27.93 2.11 3.28
N GLY C 33 -26.76 2.28 3.85
CA GLY C 33 -26.33 3.59 4.28
C GLY C 33 -26.84 3.97 5.63
N THR C 34 -27.56 3.08 6.29
CA THR C 34 -27.90 3.30 7.68
C THR C 34 -26.76 2.82 8.60
N ARG C 35 -26.76 3.35 9.81
CA ARG C 35 -25.70 3.06 10.76
C ARG C 35 -26.26 2.48 12.05
N LEU C 36 -25.56 1.50 12.60
CA LEU C 36 -25.93 0.83 13.84
C LEU C 36 -24.98 1.22 14.96
N GLN C 37 -25.52 1.49 16.13
CA GLN C 37 -24.69 1.76 17.28
C GLN C 37 -24.45 0.44 18.00
N CYS C 38 -23.19 0.07 18.17
CA CYS C 38 -22.84 -1.31 18.59
C CYS C 38 -21.68 -1.33 19.58
N ILE C 39 -21.47 -2.48 20.20
CA ILE C 39 -20.33 -2.61 21.08
C ILE C 39 -19.27 -3.50 20.44
N LEU C 40 -18.07 -2.95 20.29
CA LEU C 40 -16.90 -3.69 19.77
C LEU C 40 -16.03 -4.13 20.92
N HIS C 41 -15.76 -5.42 20.97
CA HIS C 41 -15.08 -6.00 22.13
C HIS C 41 -14.14 -7.07 21.64
N TYR C 42 -12.89 -7.05 22.13
CA TYR C 42 -11.94 -8.13 21.81
C TYR C 42 -11.84 -9.12 22.94
N ASN C 43 -11.92 -10.40 22.59
CA ASN C 43 -11.75 -11.51 23.48
C ASN C 43 -10.47 -12.27 23.26
N GLU C 44 -9.51 -12.05 24.14
CA GLU C 44 -8.18 -12.58 24.00
C GLU C 44 -8.18 -14.11 24.09
N ALA C 45 -8.94 -14.67 25.02
CA ALA C 45 -8.89 -16.11 25.27
C ALA C 45 -9.19 -16.91 24.02
N ASP C 46 -10.24 -16.53 23.28
CA ASP C 46 -10.42 -17.18 21.97
C ASP C 46 -10.17 -16.31 20.72
N SER C 47 -9.30 -15.30 20.83
CA SER C 47 -8.86 -14.51 19.65
C SER C 47 -10.01 -14.17 18.70
N SER C 48 -10.96 -13.42 19.20
CA SER C 48 -12.10 -13.07 18.38
C SER C 48 -12.60 -11.72 18.75
N LEU C 49 -13.31 -11.11 17.82
CA LEU C 49 -14.00 -9.86 18.07
C LEU C 49 -15.47 -10.15 18.12
N SER C 50 -16.17 -9.46 19.01
CA SER C 50 -17.61 -9.48 19.01
C SER C 50 -18.13 -8.09 18.70
N ILE C 51 -19.14 -8.03 17.84
CA ILE C 51 -19.81 -6.79 17.54
C ILE C 51 -21.24 -7.03 17.97
N SER C 52 -21.74 -6.20 18.86
CA SER C 52 -23.03 -6.44 19.46
C SER C 52 -23.94 -5.26 19.18
N CYS C 53 -24.88 -5.50 18.26
CA CYS C 53 -25.84 -4.49 17.84
C CYS C 53 -27.23 -4.99 18.24
N GLU C 54 -28.25 -4.13 18.11
CA GLU C 54 -29.45 -4.32 18.88
C GLU C 54 -30.29 -5.49 18.37
N ASP C 55 -30.18 -5.78 17.09
CA ASP C 55 -30.83 -6.92 16.48
C ASP C 55 -29.82 -7.91 15.90
N LYS C 56 -28.54 -7.55 15.93
CA LYS C 56 -27.49 -8.45 15.48
C LYS C 56 -26.36 -8.57 16.50
N VAL C 57 -25.98 -9.81 16.80
CA VAL C 57 -24.76 -10.06 17.51
C VAL C 57 -23.90 -10.96 16.66
N ARG C 58 -22.65 -10.57 16.49
CA ARG C 58 -21.71 -11.32 15.69
C ARG C 58 -20.41 -11.54 16.39
N VAL C 59 -19.90 -12.76 16.34
CA VAL C 59 -18.54 -13.00 16.78
C VAL C 59 -17.70 -13.24 15.56
N ILE C 60 -16.64 -12.46 15.44
CA ILE C 60 -15.68 -12.61 14.37
C ILE C 60 -14.33 -13.11 14.87
N PRO C 61 -14.01 -14.37 14.59
CA PRO C 61 -12.70 -14.89 14.94
C PRO C 61 -11.65 -14.20 14.07
N LEU C 62 -10.46 -13.99 14.62
CA LEU C 62 -9.40 -13.28 13.93
C LEU C 62 -9.02 -14.01 12.64
N SER C 63 -9.07 -15.32 12.69
CA SER C 63 -8.74 -16.15 11.55
C SER C 63 -9.74 -15.93 10.41
N ASP C 64 -10.91 -15.37 10.71
CA ASP C 64 -11.83 -15.05 9.63
C ASP C 64 -11.63 -13.64 9.06
N ILE C 65 -10.66 -12.91 9.62
CA ILE C 65 -10.33 -11.55 9.13
C ILE C 65 -9.21 -11.62 8.11
N LYS C 66 -9.59 -11.65 6.85
CA LYS C 66 -8.64 -11.78 5.74
C LYS C 66 -7.76 -10.52 5.65
N ALA C 67 -8.39 -9.35 5.68
CA ALA C 67 -7.64 -8.08 5.62
C ALA C 67 -8.39 -6.98 6.39
N LEU C 68 -7.66 -5.93 6.78
CA LEU C 68 -8.29 -4.70 7.22
C LEU C 68 -8.25 -3.68 6.12
N LEU C 69 -9.42 -3.21 5.71
CA LEU C 69 -9.54 -2.21 4.66
C LEU C 69 -9.52 -0.83 5.31
N HIS C 70 -8.43 -0.09 5.13
CA HIS C 70 -8.28 1.24 5.74
C HIS C 70 -7.84 2.42 4.85
N THR C 71 -7.18 2.15 3.74
CA THR C 71 -6.79 3.18 2.80
C THR C 71 -7.97 3.54 1.90
N ARG C 72 -7.88 4.70 1.25
CA ARG C 72 -8.95 5.16 0.41
C ARG C 72 -9.20 4.18 -0.76
N ASP C 73 -8.14 3.67 -1.35
CA ASP C 73 -8.25 2.74 -2.48
C ASP C 73 -8.81 1.38 -2.01
N GLN C 74 -8.42 0.93 -0.82
CA GLN C 74 -9.03 -0.29 -0.24
C GLN C 74 -10.56 -0.11 0.01
N LEU C 75 -10.94 1.00 0.61
CA LEU C 75 -12.34 1.25 0.95
C LEU C 75 -13.23 1.49 -0.25
N GLN C 76 -12.66 1.95 -1.35
CA GLN C 76 -13.40 2.23 -2.58
C GLN C 76 -14.04 0.95 -3.09
N ARG C 77 -13.37 -0.16 -2.87
CA ARG C 77 -13.79 -1.48 -3.32
C ARG C 77 -15.12 -1.96 -2.73
N VAL C 78 -15.42 -1.57 -1.49
CA VAL C 78 -16.68 -1.92 -0.85
C VAL C 78 -17.86 -1.28 -1.59
N GLU C 79 -18.88 -2.09 -1.87
CA GLU C 79 -20.08 -1.64 -2.55
C GLU C 79 -21.20 -1.36 -1.53
N THR C 80 -21.45 -0.09 -1.29
CA THR C 80 -22.34 0.35 -0.24
C THR C 80 -22.82 1.75 -0.54
N LYS C 81 -23.98 2.10 0.00
CA LYS C 81 -24.49 3.47 -0.07
C LYS C 81 -23.81 4.37 0.96
N ALA C 82 -23.19 3.78 1.96
CA ALA C 82 -22.34 4.57 2.86
C ALA C 82 -21.22 5.24 2.06
N ASN C 83 -20.81 6.44 2.45
CA ASN C 83 -19.55 6.99 1.94
C ASN C 83 -18.40 6.60 2.86
N LEU C 84 -17.66 5.56 2.47
CA LEU C 84 -16.53 5.12 3.28
C LEU C 84 -15.27 5.89 2.92
N VAL C 85 -15.06 6.10 1.61
CA VAL C 85 -13.81 6.72 1.12
C VAL C 85 -13.49 8.08 1.73
N ASP C 86 -14.51 8.90 2.01
CA ASP C 86 -14.29 10.24 2.65
C ASP C 86 -14.43 10.21 4.15
N ASP C 87 -14.50 9.02 4.73
CA ASP C 87 -14.66 8.87 6.17
C ASP C 87 -13.32 8.53 6.87
N GLU C 88 -12.71 9.53 7.51
CA GLU C 88 -11.34 9.36 8.10
C GLU C 88 -11.36 8.42 9.29
N SER C 89 -12.55 7.95 9.67
CA SER C 89 -12.71 7.18 10.91
C SER C 89 -13.12 5.73 10.63
N CYS C 90 -13.14 5.36 9.35
CA CYS C 90 -13.66 4.07 8.92
C CYS C 90 -12.57 3.00 8.66
N VAL C 91 -12.84 1.76 9.08
CA VAL C 91 -12.09 0.58 8.64
C VAL C 91 -13.07 -0.56 8.48
N ALA C 92 -12.86 -1.41 7.48
CA ALA C 92 -13.77 -2.53 7.21
C ALA C 92 -13.05 -3.85 7.48
N LEU C 93 -13.74 -4.75 8.17
CA LEU C 93 -13.23 -6.08 8.32
C LEU C 93 -13.55 -6.88 7.07
N HIS C 94 -12.50 -7.24 6.34
CA HIS C 94 -12.67 -8.08 5.18
C HIS C 94 -12.65 -9.53 5.64
N LEU C 95 -13.77 -10.21 5.45
CA LEU C 95 -13.99 -11.54 6.00
C LEU C 95 -13.57 -12.64 5.04
N LEU C 96 -12.77 -13.56 5.54
CA LEU C 96 -12.24 -14.65 4.71
C LEU C 96 -13.24 -15.66 4.13
N GLU C 97 -14.15 -16.20 4.94
CA GLU C 97 -15.11 -17.19 4.39
C GLU C 97 -16.11 -16.59 3.39
N SER C 98 -16.96 -15.70 3.88
CA SER C 98 -17.98 -15.07 3.05
C SER C 98 -17.37 -14.15 2.00
N GLY C 99 -16.23 -13.56 2.31
CA GLY C 99 -15.60 -12.58 1.41
C GLY C 99 -16.23 -11.21 1.48
N ASN C 100 -17.31 -11.06 2.23
CA ASN C 100 -17.89 -9.75 2.44
C ASN C 100 -17.14 -8.95 3.51
N CYS C 101 -17.54 -7.70 3.71
CA CYS C 101 -16.83 -6.74 4.56
CA CYS C 101 -16.85 -6.88 4.66
C CYS C 101 -17.76 -6.11 5.59
N ILE C 102 -17.24 -5.79 6.78
CA ILE C 102 -18.00 -5.06 7.81
C ILE C 102 -17.30 -3.72 8.16
N PRO C 103 -17.83 -2.61 7.63
CA PRO C 103 -17.21 -1.31 7.89
C PRO C 103 -17.57 -0.78 9.24
N LEU C 104 -16.57 -0.38 10.01
CA LEU C 104 -16.81 0.18 11.32
C LEU C 104 -16.34 1.62 11.31
N ARG C 105 -17.08 2.50 11.98
CA ARG C 105 -16.65 3.89 12.15
C ARG C 105 -16.32 4.12 13.61
N PHE C 106 -15.06 4.49 13.86
CA PHE C 106 -14.60 4.89 15.18
C PHE C 106 -14.91 6.35 15.49
N ASP C 107 -14.60 6.78 16.70
CA ASP C 107 -14.88 8.16 17.15
C ASP C 107 -14.19 9.21 16.30
N GLY C 108 -13.07 8.84 15.68
CA GLY C 108 -12.27 9.79 14.93
C GLY C 108 -11.04 9.11 14.36
N VAL C 109 -10.15 9.92 13.80
CA VAL C 109 -9.00 9.37 13.06
C VAL C 109 -8.02 8.60 13.96
N LYS C 110 -7.89 9.03 15.22
CA LYS C 110 -6.92 8.43 16.13
C LYS C 110 -7.23 6.96 16.41
N ASP C 111 -8.44 6.71 16.90
CA ASP C 111 -8.87 5.37 17.25
C ASP C 111 -8.83 4.45 16.03
N LYS C 112 -9.22 4.99 14.88
CA LYS C 112 -9.21 4.22 13.65
C LYS C 112 -7.77 3.79 13.30
N THR C 113 -6.85 4.73 13.33
CA THR C 113 -5.43 4.47 13.06
C THR C 113 -4.82 3.49 14.08
N CYS C 114 -5.21 3.65 15.35
CA CYS C 114 -4.73 2.77 16.41
C CYS C 114 -5.27 1.35 16.22
N PHE C 115 -6.53 1.25 15.81
CA PHE C 115 -7.12 -0.09 15.58
C PHE C 115 -6.38 -0.86 14.47
N VAL C 116 -6.05 -0.17 13.41
CA VAL C 116 -5.39 -0.79 12.28
C VAL C 116 -4.03 -1.38 12.72
N ASP C 117 -3.29 -0.61 13.52
CA ASP C 117 -1.98 -1.00 14.00
C ASP C 117 -2.12 -2.15 15.03
N LEU C 118 -3.09 -2.02 15.93
CA LEU C 118 -3.31 -3.03 16.98
C LEU C 118 -3.70 -4.38 16.40
N LEU C 119 -4.62 -4.36 15.44
CA LEU C 119 -5.17 -5.59 14.94
C LEU C 119 -4.07 -6.51 14.42
N LYS C 120 -3.10 -5.93 13.72
CA LYS C 120 -1.93 -6.65 13.23
C LYS C 120 -1.25 -7.42 14.33
N LYS C 121 -1.00 -6.73 15.45
CA LYS C 121 -0.33 -7.31 16.61
C LYS C 121 -1.17 -8.37 17.30
N LEU C 122 -2.49 -8.12 17.33
CA LEU C 122 -3.37 -9.06 17.99
C LEU C 122 -3.37 -10.44 17.29
N LYS C 123 -3.27 -10.44 15.97
CA LYS C 123 -3.00 -11.67 15.24
C LYS C 123 -1.68 -12.35 15.66
N ALA C 124 -0.60 -11.57 15.72
CA ALA C 124 0.71 -12.07 16.12
C ALA C 124 0.68 -12.81 17.46
N ALA C 125 0.05 -12.20 18.46
CA ALA C 125 -0.03 -12.78 19.81
C ALA C 125 -0.92 -14.03 19.88
N SER D 2 5.28 -10.48 -9.99
CA SER D 2 6.69 -10.92 -9.74
C SER D 2 7.04 -10.98 -8.25
N MET D 3 7.84 -11.97 -7.91
CA MET D 3 8.41 -12.10 -6.58
C MET D 3 9.53 -11.10 -6.30
N ALA D 4 10.04 -10.43 -7.35
CA ALA D 4 11.30 -9.72 -7.23
C ALA D 4 11.09 -8.23 -7.23
N SER D 5 11.89 -7.51 -6.45
CA SER D 5 11.83 -6.07 -6.39
C SER D 5 13.16 -5.56 -6.88
N PRO D 6 13.18 -4.39 -7.50
CA PRO D 6 14.46 -3.77 -7.83
C PRO D 6 15.14 -3.14 -6.61
N GLN D 7 16.42 -2.86 -6.73
CA GLN D 7 17.10 -2.19 -5.69
C GLN D 7 17.82 -0.99 -6.31
N VAL D 8 18.22 -0.05 -5.49
CA VAL D 8 18.99 1.10 -5.98
C VAL D 8 20.47 0.85 -5.75
N THR D 9 21.32 1.50 -6.55
CA THR D 9 22.77 1.36 -6.45
C THR D 9 23.39 2.56 -5.74
N ALA D 10 24.68 2.46 -5.43
CA ALA D 10 25.41 3.56 -4.79
C ALA D 10 25.41 4.79 -5.70
N ALA D 11 25.45 4.55 -7.00
CA ALA D 11 25.37 5.61 -8.00
C ALA D 11 24.03 6.34 -7.92
N ASP D 12 22.93 5.59 -7.86
CA ASP D 12 21.61 6.20 -7.73
C ASP D 12 21.61 7.09 -6.49
N ILE D 13 22.18 6.57 -5.41
CA ILE D 13 22.14 7.26 -4.16
C ILE D 13 22.97 8.55 -4.23
N GLU D 14 24.16 8.45 -4.79
CA GLU D 14 25.00 9.63 -5.06
C GLU D 14 24.31 10.67 -5.97
N ASP D 15 23.64 10.21 -7.02
CA ASP D 15 22.91 11.13 -7.90
C ASP D 15 21.86 11.93 -7.14
N LEU D 16 21.07 11.24 -6.30
CA LEU D 16 20.10 11.90 -5.47
C LEU D 16 20.77 12.93 -4.54
N HIS D 17 21.87 12.51 -3.92
CA HIS D 17 22.79 13.40 -3.15
C HIS D 17 23.11 14.73 -3.85
N ARG D 18 23.47 14.65 -5.14
CA ARG D 18 23.77 15.86 -5.89
CA ARG D 18 23.75 15.84 -5.98
C ARG D 18 22.55 16.76 -6.05
N ARG D 19 21.44 16.17 -6.41
CA ARG D 19 20.25 16.94 -6.62
C ARG D 19 19.87 17.61 -5.34
N LEU D 20 20.11 16.90 -4.24
CA LEU D 20 19.62 17.34 -2.93
C LEU D 20 20.45 18.49 -2.38
N LEU D 21 21.76 18.42 -2.59
CA LEU D 21 22.66 19.56 -2.38
C LEU D 21 22.26 20.79 -3.22
N ALA D 22 21.94 20.59 -4.51
CA ALA D 22 21.44 21.70 -5.36
C ALA D 22 20.02 22.16 -4.95
N GLY D 23 19.21 21.23 -4.45
CA GLY D 23 17.79 21.53 -4.19
C GLY D 23 16.90 20.88 -5.24
N MET D 24 15.91 20.11 -4.78
CA MET D 24 15.17 19.24 -5.68
C MET D 24 13.66 19.39 -5.48
N ALA D 25 12.90 19.15 -6.54
CA ALA D 25 11.44 19.22 -6.43
C ALA D 25 10.92 18.14 -5.50
N VAL D 26 10.03 18.52 -4.60
CA VAL D 26 9.24 17.57 -3.83
C VAL D 26 7.87 18.14 -3.53
N LEU D 27 6.94 17.25 -3.23
CA LEU D 27 5.62 17.65 -2.79
C LEU D 27 5.56 17.41 -1.30
N VAL D 28 5.12 18.41 -0.55
CA VAL D 28 4.78 18.21 0.86
C VAL D 28 3.32 17.86 0.91
N LEU D 29 2.99 16.81 1.66
CA LEU D 29 1.61 16.34 1.78
C LEU D 29 0.94 16.76 3.09
N LEU D 30 0.08 17.77 2.98
CA LEU D 30 -0.49 18.44 4.15
C LEU D 30 -1.57 17.59 4.82
N GLN D 31 -1.77 17.82 6.12
CA GLN D 31 -2.74 17.06 6.90
C GLN D 31 -4.17 17.14 6.37
N ASP D 32 -4.50 18.25 5.70
CA ASP D 32 -5.85 18.44 5.15
C ASP D 32 -6.00 17.87 3.73
N GLY D 33 -4.98 17.16 3.27
CA GLY D 33 -5.04 16.50 1.98
C GLY D 33 -4.61 17.33 0.79
N THR D 34 -4.26 18.58 1.03
CA THR D 34 -3.69 19.44 0.01
C THR D 34 -2.21 19.13 -0.22
N ARG D 35 -1.69 19.50 -1.37
CA ARG D 35 -0.32 19.24 -1.74
C ARG D 35 0.43 20.53 -2.02
N LEU D 36 1.65 20.64 -1.51
CA LEU D 36 2.46 21.86 -1.71
C LEU D 36 3.65 21.55 -2.59
N GLN D 37 3.83 22.33 -3.65
CA GLN D 37 5.00 22.21 -4.49
C GLN D 37 6.15 22.89 -3.78
N CYS D 38 7.22 22.15 -3.53
CA CYS D 38 8.31 22.63 -2.67
C CYS D 38 9.68 22.24 -3.22
N ILE D 39 10.72 22.90 -2.70
CA ILE D 39 12.09 22.57 -3.03
C ILE D 39 12.79 22.11 -1.74
N LEU D 40 13.50 21.00 -1.84
CA LEU D 40 14.14 20.40 -0.69
C LEU D 40 15.65 20.40 -0.89
N HIS D 41 16.35 20.89 0.11
CA HIS D 41 17.80 21.07 0.00
C HIS D 41 18.54 20.65 1.27
N TYR D 42 19.72 20.05 1.12
CA TYR D 42 20.55 19.77 2.27
C TYR D 42 21.70 20.78 2.39
N ASN D 43 21.95 21.25 3.59
CA ASN D 43 23.16 22.04 3.83
C ASN D 43 24.06 21.32 4.76
N GLU D 44 25.20 20.90 4.25
CA GLU D 44 26.14 20.11 5.02
C GLU D 44 26.74 20.82 6.22
N ALA D 45 27.13 22.07 6.04
CA ALA D 45 27.79 22.79 7.10
C ALA D 45 26.85 22.94 8.29
N ASP D 46 25.59 23.17 7.99
CA ASP D 46 24.53 23.27 8.98
C ASP D 46 23.96 21.94 9.46
N SER D 47 24.25 20.86 8.76
CA SER D 47 23.64 19.56 9.04
C SER D 47 22.12 19.67 9.10
N SER D 48 21.53 20.32 8.12
CA SER D 48 20.13 20.61 8.14
C SER D 48 19.52 20.50 6.76
N LEU D 49 18.28 20.03 6.69
CA LEU D 49 17.51 20.07 5.48
C LEU D 49 16.70 21.33 5.50
N SER D 50 16.43 21.90 4.34
CA SER D 50 15.39 22.92 4.26
C SER D 50 14.28 22.54 3.28
N ILE D 51 13.06 22.94 3.60
CA ILE D 51 11.94 22.81 2.69
C ILE D 51 11.33 24.19 2.46
N SER D 52 11.24 24.60 1.20
CA SER D 52 10.61 25.87 0.87
C SER D 52 9.40 25.62 -0.02
N CYS D 53 8.23 26.05 0.46
CA CYS D 53 7.01 25.94 -0.31
C CYS D 53 6.49 27.34 -0.47
N GLU D 54 6.22 27.73 -1.70
CA GLU D 54 5.73 29.08 -1.93
C GLU D 54 6.76 30.04 -1.36
N ASP D 55 6.31 31.11 -0.72
CA ASP D 55 7.23 32.04 -0.09
C ASP D 55 8.00 31.37 1.06
N LYS D 56 7.28 30.61 1.87
CA LYS D 56 7.75 30.04 3.15
C LYS D 56 8.86 28.96 3.11
N VAL D 57 9.84 29.10 4.00
CA VAL D 57 10.91 28.12 4.19
C VAL D 57 10.87 27.52 5.60
N ARG D 58 11.09 26.21 5.70
CA ARG D 58 11.26 25.54 6.98
C ARG D 58 12.61 24.83 7.04
N VAL D 59 13.36 25.05 8.12
CA VAL D 59 14.69 24.46 8.27
C VAL D 59 14.69 23.37 9.33
N ILE D 60 15.12 22.18 8.96
CA ILE D 60 15.04 21.03 9.85
C ILE D 60 16.44 20.45 10.07
N PRO D 61 16.97 20.61 11.27
CA PRO D 61 18.25 20.01 11.61
C PRO D 61 18.11 18.50 11.58
N LEU D 62 19.16 17.80 11.17
CA LEU D 62 19.17 16.36 11.08
C LEU D 62 18.91 15.80 12.47
N SER D 63 19.44 16.50 13.45
CA SER D 63 19.30 16.16 14.85
C SER D 63 17.84 16.19 15.35
N ASP D 64 16.98 16.98 14.71
CA ASP D 64 15.57 16.92 15.04
C ASP D 64 14.75 15.85 14.24
N ILE D 65 15.43 14.98 13.49
CA ILE D 65 14.73 13.95 12.74
C ILE D 65 14.90 12.64 13.45
N LYS D 66 13.91 12.31 14.26
CA LYS D 66 13.89 11.04 15.00
C LYS D 66 13.94 9.83 14.08
N ALA D 67 13.08 9.81 13.05
CA ALA D 67 13.05 8.67 12.12
C ALA D 67 12.52 9.11 10.78
N LEU D 68 12.66 8.23 9.79
CA LEU D 68 11.97 8.33 8.52
C LEU D 68 10.90 7.25 8.45
N LEU D 69 9.67 7.63 8.18
CA LEU D 69 8.61 6.66 7.98
C LEU D 69 8.48 6.36 6.50
N HIS D 70 8.75 5.13 6.10
CA HIS D 70 8.62 4.74 4.70
C HIS D 70 7.79 3.48 4.40
N THR D 71 7.76 2.52 5.32
CA THR D 71 7.01 1.28 5.12
C THR D 71 5.52 1.52 5.24
N ARG D 72 4.71 0.60 4.72
CA ARG D 72 3.27 0.72 4.86
C ARG D 72 2.89 0.92 6.31
N ASP D 73 3.38 0.05 7.19
CA ASP D 73 3.01 0.12 8.60
C ASP D 73 3.52 1.41 9.24
N GLN D 74 4.71 1.85 8.86
CA GLN D 74 5.24 3.11 9.45
C GLN D 74 4.37 4.28 9.09
N LEU D 75 4.04 4.37 7.80
CA LEU D 75 3.27 5.50 7.33
C LEU D 75 1.81 5.48 7.78
N GLN D 76 1.30 4.26 8.03
CA GLN D 76 -0.12 4.10 8.44
C GLN D 76 -0.45 4.91 9.67
N ARG D 77 0.57 5.17 10.52
CA ARG D 77 0.37 5.79 11.85
C ARG D 77 0.11 7.28 11.76
N VAL D 78 0.49 7.89 10.63
CA VAL D 78 0.32 9.33 10.45
C VAL D 78 -1.18 9.63 10.23
N GLU D 79 -1.70 10.62 10.97
CA GLU D 79 -3.08 11.04 10.87
C GLU D 79 -3.25 12.18 9.87
N THR D 80 -3.89 11.89 8.75
CA THR D 80 -3.93 12.85 7.65
C THR D 80 -5.08 12.52 6.69
N LYS D 81 -5.50 13.51 5.92
CA LYS D 81 -6.41 13.29 4.80
C LYS D 81 -5.65 12.87 3.53
N ALA D 82 -4.34 12.99 3.55
CA ALA D 82 -3.51 12.46 2.47
C ALA D 82 -3.56 10.95 2.47
N ASN D 83 -3.42 10.36 1.30
CA ASN D 83 -3.26 8.92 1.19
C ASN D 83 -1.79 8.45 1.12
N LEU D 84 -1.11 8.47 2.26
CA LEU D 84 0.30 8.10 2.35
C LEU D 84 0.69 6.64 2.13
N VAL D 85 -0.08 5.75 2.74
CA VAL D 85 0.20 4.32 2.78
C VAL D 85 0.41 3.74 1.39
N ASP D 86 -0.50 4.04 0.46
CA ASP D 86 -0.43 3.53 -0.92
C ASP D 86 0.51 4.33 -1.86
N ASP D 87 1.12 5.38 -1.34
CA ASP D 87 1.93 6.26 -2.17
C ASP D 87 3.40 5.76 -2.21
N GLU D 88 3.80 5.15 -3.31
CA GLU D 88 5.09 4.48 -3.37
C GLU D 88 6.32 5.41 -3.34
N SER D 89 6.07 6.72 -3.45
CA SER D 89 7.15 7.72 -3.51
C SER D 89 7.25 8.53 -2.23
N CYS D 90 6.52 8.10 -1.20
CA CYS D 90 6.33 8.89 0.01
C CYS D 90 7.31 8.42 1.12
N VAL D 91 7.96 9.38 1.77
CA VAL D 91 8.59 9.16 3.07
C VAL D 91 8.20 10.33 3.95
N ALA D 92 8.04 10.09 5.27
CA ALA D 92 7.79 11.18 6.19
C ALA D 92 8.92 11.37 7.18
N LEU D 93 9.27 12.62 7.45
CA LEU D 93 10.25 12.93 8.49
C LEU D 93 9.54 12.96 9.85
N HIS D 94 9.88 12.02 10.70
CA HIS D 94 9.33 12.01 12.04
C HIS D 94 10.21 12.93 12.87
N LEU D 95 9.62 13.97 13.43
CA LEU D 95 10.36 15.02 14.11
C LEU D 95 10.50 14.79 15.61
N LEU D 96 11.73 14.89 16.10
CA LEU D 96 12.00 14.59 17.50
C LEU D 96 11.35 15.49 18.55
N GLU D 97 11.45 16.81 18.43
CA GLU D 97 10.81 17.68 19.42
C GLU D 97 9.29 17.60 19.45
N SER D 98 8.63 17.91 18.35
CA SER D 98 7.16 18.01 18.34
C SER D 98 6.44 16.66 18.13
N GLY D 99 7.19 15.63 17.78
CA GLY D 99 6.60 14.30 17.59
C GLY D 99 5.72 14.16 16.35
N ASN D 100 5.55 15.25 15.62
CA ASN D 100 4.79 15.26 14.36
C ASN D 100 5.65 14.88 13.15
N CYS D 101 5.06 14.80 11.98
N CYS D 101 5.01 14.77 11.98
CA CYS D 101 5.86 14.39 10.84
CA CYS D 101 5.68 14.22 10.77
C CYS D 101 5.50 15.08 9.56
C CYS D 101 5.45 15.08 9.53
N ILE D 102 6.50 15.22 8.71
CA ILE D 102 6.35 15.90 7.47
C ILE D 102 6.48 14.91 6.33
N PRO D 103 5.34 14.58 5.70
CA PRO D 103 5.41 13.60 4.64
C PRO D 103 5.78 14.26 3.32
N LEU D 104 6.76 13.67 2.63
CA LEU D 104 7.24 14.14 1.33
C LEU D 104 6.97 13.08 0.25
N ARG D 105 6.60 13.52 -0.96
CA ARG D 105 6.54 12.62 -2.12
C ARG D 105 7.65 12.97 -3.07
N PHE D 106 8.50 11.99 -3.35
CA PHE D 106 9.54 12.14 -4.34
C PHE D 106 8.97 11.73 -5.68
N ASP D 107 9.75 11.96 -6.72
CA ASP D 107 9.35 11.59 -8.06
C ASP D 107 9.77 10.16 -8.34
N GLY D 108 9.02 9.20 -7.80
CA GLY D 108 9.31 7.78 -8.05
C GLY D 108 9.86 7.03 -6.85
N VAL D 109 9.58 5.73 -6.80
CA VAL D 109 10.01 4.88 -5.68
C VAL D 109 11.52 4.83 -5.56
N LYS D 110 12.23 4.99 -6.67
CA LYS D 110 13.71 4.93 -6.63
C LYS D 110 14.34 6.11 -5.82
N ASP D 111 13.84 7.31 -6.05
CA ASP D 111 14.29 8.50 -5.30
C ASP D 111 13.88 8.38 -3.82
N LYS D 112 12.64 7.97 -3.60
CA LYS D 112 12.18 7.73 -2.25
C LYS D 112 13.17 6.78 -1.55
N THR D 113 13.61 5.73 -2.25
CA THR D 113 14.45 4.69 -1.66
C THR D 113 15.85 5.22 -1.43
N CYS D 114 16.43 5.90 -2.44
CA CYS D 114 17.74 6.51 -2.31
C CYS D 114 17.77 7.48 -1.13
N PHE D 115 16.69 8.25 -0.94
CA PHE D 115 16.57 9.13 0.21
C PHE D 115 16.65 8.42 1.55
N VAL D 116 15.86 7.36 1.72
CA VAL D 116 15.96 6.54 2.94
C VAL D 116 17.42 6.14 3.19
N ASP D 117 18.12 5.75 2.15
CA ASP D 117 19.52 5.27 2.34
C ASP D 117 20.43 6.45 2.61
N LEU D 118 20.15 7.56 1.93
CA LEU D 118 21.01 8.75 2.01
C LEU D 118 20.93 9.43 3.36
N LEU D 119 19.71 9.63 3.87
CA LEU D 119 19.55 10.34 5.12
C LEU D 119 20.42 9.71 6.22
N LYS D 120 20.47 8.39 6.24
CA LYS D 120 21.26 7.70 7.24
C LYS D 120 22.73 8.05 7.13
N LYS D 121 23.24 8.08 5.91
CA LYS D 121 24.62 8.44 5.65
C LYS D 121 24.90 9.88 6.05
N LEU D 122 23.94 10.75 5.79
CA LEU D 122 24.07 12.16 6.12
C LEU D 122 24.18 12.39 7.62
N LYS D 123 23.42 11.64 8.40
CA LYS D 123 23.47 11.74 9.86
C LYS D 123 24.78 11.15 10.39
N ALA D 124 25.17 9.99 9.87
CA ALA D 124 26.41 9.31 10.32
C ALA D 124 27.64 10.21 10.13
N ALA D 125 27.58 11.09 9.11
CA ALA D 125 28.65 12.05 8.81
C ALA D 125 28.66 13.22 9.82
N ALA D 126 27.68 13.22 10.73
CA ALA D 126 27.66 14.09 11.93
C ALA D 126 27.15 15.50 11.64
#